data_8DWN
#
_entry.id   8DWN
#
_cell.length_a   57.943
_cell.length_b   70.189
_cell.length_c   88.775
_cell.angle_alpha   90.000
_cell.angle_beta   90.000
_cell.angle_gamma   90.000
#
_symmetry.space_group_name_H-M   'P 21 21 21'
#
loop_
_entity.id
_entity.type
_entity.pdbx_description
1 polymer 'Insulin receptor subunit beta'
2 water water
#
_entity_poly.entity_id   1
_entity_poly.type   'polypeptide(L)'
_entity_poly.pdbx_seq_one_letter_code
;VFPSSVFVPDEWEVSREKITLLRELGQGSFGMVYEGNARDIIKGEAETRVAVKTVNESASLRERIEFLNEASVMKGFTCH
HVVRLLGVVSKGQPTLVVMELMAHGDLKSYLRSLRPEAENNPGRPPPTLQEMIQMAAEIADGMAYLNAKKFVHRDLAARN
CMVAHDFTVKIGDFGMTRDI(PTR)ETD(PTR)YRKGGKGLLPVRWMAPESLKDGVFTTSSDMWSFGVVLWEITSLAEQP
YQGLSNEQVLKFVMDGGYLDQPDNCPERVTDLMRMCWQFNPKMRPTFLEIVNLLKDDLHPSFPEVSFFHSEENK
;
_entity_poly.pdbx_strand_id   A
#
# COMPACT_ATOMS: atom_id res chain seq x y z
N ASP A 10 13.20 -18.52 9.82
CA ASP A 10 14.03 -19.69 10.14
C ASP A 10 14.69 -20.28 8.89
N GLU A 11 13.89 -20.87 8.01
CA GLU A 11 14.32 -21.24 6.66
C GLU A 11 14.34 -20.04 5.72
N TRP A 12 14.06 -18.83 6.24
CA TRP A 12 14.11 -17.60 5.49
C TRP A 12 15.49 -16.97 5.44
N GLU A 13 16.47 -17.53 6.16
CA GLU A 13 17.81 -16.97 6.14
C GLU A 13 18.41 -17.11 4.75
N VAL A 14 19.09 -16.07 4.30
CA VAL A 14 19.80 -16.12 3.04
C VAL A 14 21.22 -15.63 3.29
N SER A 15 22.17 -16.24 2.59
CA SER A 15 23.56 -15.80 2.68
C SER A 15 23.68 -14.37 2.19
N ARG A 16 24.33 -13.53 3.02
CA ARG A 16 24.67 -12.18 2.63
C ARG A 16 25.35 -12.12 1.25
N GLU A 17 26.23 -13.10 0.97
CA GLU A 17 26.95 -13.14 -0.29
C GLU A 17 26.04 -13.31 -1.52
N LYS A 18 24.78 -13.75 -1.33
CA LYS A 18 23.89 -13.89 -2.49
C LYS A 18 23.21 -12.58 -2.90
N ILE A 19 23.31 -11.56 -2.08
CA ILE A 19 22.66 -10.28 -2.35
C ILE A 19 23.68 -9.34 -2.98
N THR A 20 23.39 -8.84 -4.17
CA THR A 20 24.18 -7.75 -4.72
C THR A 20 23.30 -6.51 -4.84
N LEU A 21 23.87 -5.36 -4.49
CA LEU A 21 23.13 -4.10 -4.42
C LEU A 21 23.46 -3.24 -5.62
N LEU A 22 22.43 -2.72 -6.27
CA LEU A 22 22.60 -1.95 -7.48
C LEU A 22 22.54 -0.44 -7.24
N ARG A 23 21.52 0.04 -6.53
CA ARG A 23 21.28 1.47 -6.46
C ARG A 23 20.27 1.76 -5.37
N GLU A 24 20.22 3.04 -4.98
CA GLU A 24 19.34 3.47 -3.90
C GLU A 24 17.92 3.53 -4.41
N LEU A 25 16.97 3.00 -3.61
CA LEU A 25 15.56 3.22 -3.92
C LEU A 25 14.92 4.31 -3.07
N GLY A 26 15.41 4.55 -1.86
CA GLY A 26 14.90 5.63 -1.04
C GLY A 26 14.77 5.24 0.41
N GLN A 27 14.60 6.26 1.24
CA GLN A 27 14.56 6.07 2.67
C GLN A 27 13.30 5.32 3.07
N GLY A 28 13.48 4.26 3.87
CA GLY A 28 12.39 3.57 4.52
C GLY A 28 12.43 3.86 6.01
N SER A 29 11.43 3.30 6.71
CA SER A 29 11.26 3.62 8.12
C SER A 29 12.52 3.38 8.94
N PHE A 30 13.31 2.36 8.59
CA PHE A 30 14.47 2.01 9.40
C PHE A 30 15.80 2.40 8.76
N GLY A 31 15.83 2.73 7.48
CA GLY A 31 17.08 2.96 6.80
C GLY A 31 16.86 3.02 5.30
N MET A 32 17.98 3.08 4.59
CA MET A 32 17.99 3.15 3.14
C MET A 32 17.52 1.83 2.56
N VAL A 33 16.65 1.91 1.56
CA VAL A 33 16.18 0.76 0.78
C VAL A 33 16.93 0.79 -0.55
N TYR A 34 17.48 -0.36 -0.95
CA TYR A 34 18.25 -0.48 -2.19
C TYR A 34 17.56 -1.43 -3.17
N GLU A 35 17.76 -1.16 -4.46
CA GLU A 35 17.40 -2.14 -5.46
C GLU A 35 18.60 -3.08 -5.63
N GLY A 36 18.34 -4.37 -5.70
CA GLY A 36 19.44 -5.31 -5.84
C GLY A 36 19.08 -6.52 -6.67
N ASN A 37 19.96 -7.53 -6.65
CA ASN A 37 19.69 -8.84 -7.20
C ASN A 37 20.02 -9.90 -6.17
N ALA A 38 19.27 -11.00 -6.18
CA ALA A 38 19.49 -12.07 -5.22
C ALA A 38 19.72 -13.35 -6.00
N ARG A 39 20.85 -13.98 -5.75
CA ARG A 39 21.18 -15.22 -6.43
C ARG A 39 20.49 -16.39 -5.74
N ASP A 40 19.73 -17.17 -6.52
CA ASP A 40 19.22 -18.49 -6.09
C ASP A 40 18.41 -18.37 -4.81
N ILE A 41 17.39 -17.51 -4.87
CA ILE A 41 16.53 -17.23 -3.75
C ILE A 41 15.13 -17.79 -3.97
N ILE A 42 14.71 -17.95 -5.23
CA ILE A 42 13.44 -18.57 -5.61
C ILE A 42 13.74 -19.78 -6.49
N LYS A 43 13.27 -20.96 -6.08
CA LYS A 43 13.48 -22.16 -6.88
C LYS A 43 13.09 -21.88 -8.31
N GLY A 44 13.95 -22.27 -9.24
CA GLY A 44 13.66 -22.07 -10.64
C GLY A 44 14.11 -20.74 -11.19
N GLU A 45 14.57 -19.81 -10.36
CA GLU A 45 15.10 -18.53 -10.82
C GLU A 45 16.56 -18.42 -10.39
N ALA A 46 17.46 -18.27 -11.38
CA ALA A 46 18.87 -18.12 -11.05
C ALA A 46 19.12 -16.79 -10.33
N GLU A 47 18.32 -15.78 -10.62
CA GLU A 47 18.51 -14.46 -10.04
C GLU A 47 17.18 -13.74 -10.02
N THR A 48 16.93 -13.02 -8.93
CA THR A 48 15.65 -12.38 -8.69
C THR A 48 15.89 -10.90 -8.38
N ARG A 49 15.20 -10.02 -9.10
CA ARG A 49 15.21 -8.62 -8.72
C ARG A 49 14.56 -8.49 -7.34
N VAL A 50 15.20 -7.72 -6.45
CA VAL A 50 14.73 -7.59 -5.08
C VAL A 50 14.83 -6.13 -4.64
N ALA A 51 14.00 -5.77 -3.66
CA ALA A 51 14.25 -4.61 -2.84
C ALA A 51 14.92 -5.07 -1.55
N VAL A 52 15.97 -4.34 -1.11
CA VAL A 52 16.73 -4.72 0.07
C VAL A 52 16.64 -3.61 1.12
N LYS A 53 15.96 -3.89 2.23
CA LYS A 53 15.80 -2.96 3.34
C LYS A 53 16.99 -3.07 4.30
N THR A 54 17.49 -1.92 4.74
CA THR A 54 18.56 -1.86 5.73
C THR A 54 18.14 -0.90 6.84
N VAL A 55 18.93 -0.87 7.92
CA VAL A 55 18.68 0.03 9.04
C VAL A 55 19.89 0.96 9.23
N ASN A 56 19.61 2.25 9.42
CA ASN A 56 20.64 3.24 9.68
C ASN A 56 21.62 2.75 10.73
N GLU A 57 22.89 3.19 10.63
CA GLU A 57 23.79 2.99 11.76
C GLU A 57 23.45 3.90 12.93
N SER A 58 22.59 4.89 12.73
CA SER A 58 22.03 5.67 13.82
C SER A 58 20.99 4.91 14.61
N ALA A 59 20.75 3.63 14.35
CA ALA A 59 19.70 2.92 15.05
C ALA A 59 20.19 2.47 16.42
N SER A 60 19.31 2.60 17.42
CA SER A 60 19.53 1.96 18.69
C SER A 60 19.47 0.44 18.52
N LEU A 61 19.95 -0.27 19.53
CA LEU A 61 19.85 -1.72 19.49
C LEU A 61 18.37 -2.13 19.43
N ARG A 62 17.51 -1.37 20.12
CA ARG A 62 16.08 -1.67 20.10
C ARG A 62 15.52 -1.60 18.68
N GLU A 63 15.87 -0.56 17.92
CA GLU A 63 15.34 -0.45 16.56
C GLU A 63 15.85 -1.58 15.65
N ARG A 64 17.13 -1.94 15.80
CA ARG A 64 17.64 -3.08 15.03
C ARG A 64 16.86 -4.36 15.34
N ILE A 65 16.51 -4.55 16.62
CA ILE A 65 15.78 -5.76 16.95
C ILE A 65 14.36 -5.65 16.40
N GLU A 66 13.78 -4.46 16.44
CA GLU A 66 12.44 -4.25 15.88
C GLU A 66 12.43 -4.41 14.37
N PHE A 67 13.46 -3.91 13.69
CA PHE A 67 13.56 -4.09 12.24
C PHE A 67 13.40 -5.56 11.87
N LEU A 68 14.13 -6.44 12.56
CA LEU A 68 14.07 -7.88 12.30
C LEU A 68 12.74 -8.50 12.76
N ASN A 69 12.16 -7.99 13.85
CA ASN A 69 10.88 -8.53 14.30
C ASN A 69 9.76 -8.26 13.31
N GLU A 70 9.82 -7.10 12.63
CA GLU A 70 8.83 -6.81 11.60
C GLU A 70 8.96 -7.78 10.43
N ALA A 71 10.19 -8.12 10.04
CA ALA A 71 10.36 -9.10 8.98
C ALA A 71 9.76 -10.44 9.38
N SER A 72 9.97 -10.82 10.65
CA SER A 72 9.39 -12.05 11.18
C SER A 72 7.87 -12.10 10.99
N VAL A 73 7.17 -11.00 11.32
CA VAL A 73 5.73 -10.92 11.08
C VAL A 73 5.40 -11.15 9.59
N MET A 74 6.19 -10.58 8.69
CA MET A 74 5.92 -10.75 7.25
C MET A 74 6.09 -12.19 6.77
N LYS A 75 6.89 -13.00 7.46
CA LYS A 75 6.94 -14.42 7.12
C LYS A 75 5.57 -15.07 7.11
N GLY A 76 4.63 -14.56 7.90
CA GLY A 76 3.30 -15.15 7.89
C GLY A 76 2.39 -14.74 6.75
N PHE A 77 2.87 -13.94 5.81
CA PHE A 77 2.04 -13.33 4.78
C PHE A 77 2.37 -13.95 3.42
N THR A 78 1.38 -14.57 2.79
CA THR A 78 1.52 -15.06 1.42
C THR A 78 0.27 -14.57 0.67
N CYS A 79 0.34 -13.37 0.11
CA CYS A 79 -0.76 -12.85 -0.68
C CYS A 79 -0.16 -12.17 -1.90
N HIS A 80 -0.73 -12.47 -3.06
CA HIS A 80 -0.27 -11.85 -4.30
C HIS A 80 -0.36 -10.32 -4.24
N HIS A 81 -1.32 -9.76 -3.50
CA HIS A 81 -1.55 -8.32 -3.52
C HIS A 81 -0.99 -7.62 -2.28
N VAL A 82 -0.07 -8.29 -1.57
CA VAL A 82 0.74 -7.66 -0.54
C VAL A 82 2.19 -7.94 -0.91
N VAL A 83 3.03 -6.90 -0.86
CA VAL A 83 4.45 -7.03 -1.17
C VAL A 83 5.04 -8.05 -0.21
N ARG A 84 5.69 -9.09 -0.75
CA ARG A 84 6.05 -10.20 0.11
C ARG A 84 7.53 -10.21 0.48
N LEU A 85 7.80 -10.71 1.68
CA LEU A 85 9.17 -10.97 2.10
C LEU A 85 9.75 -12.16 1.33
N LEU A 86 10.99 -12.03 0.90
CA LEU A 86 11.66 -13.14 0.24
C LEU A 86 12.79 -13.75 1.06
N GLY A 87 13.31 -13.05 2.07
CA GLY A 87 14.45 -13.57 2.80
C GLY A 87 15.02 -12.54 3.76
N VAL A 88 15.84 -13.01 4.71
CA VAL A 88 16.38 -12.16 5.78
C VAL A 88 17.87 -12.44 5.89
N VAL A 89 18.66 -11.38 6.09
CA VAL A 89 20.04 -11.53 6.53
C VAL A 89 20.14 -11.04 7.97
N SER A 90 20.08 -11.96 8.93
CA SER A 90 20.08 -11.64 10.35
C SER A 90 21.38 -11.98 11.06
N LYS A 91 22.27 -12.74 10.43
CA LYS A 91 23.56 -13.09 11.01
C LYS A 91 24.59 -12.03 10.67
N GLY A 92 25.27 -11.51 11.69
CA GLY A 92 26.25 -10.47 11.47
C GLY A 92 25.59 -9.15 11.10
N GLN A 93 26.44 -8.18 10.81
CA GLN A 93 25.98 -6.84 10.45
C GLN A 93 26.63 -6.42 9.14
N PRO A 94 25.91 -5.65 8.30
CA PRO A 94 24.54 -5.14 8.50
C PRO A 94 23.48 -6.22 8.26
N THR A 95 22.31 -6.05 8.84
CA THR A 95 21.18 -6.92 8.58
C THR A 95 20.36 -6.39 7.40
N LEU A 96 19.73 -7.30 6.67
CA LEU A 96 19.07 -6.99 5.42
C LEU A 96 17.73 -7.71 5.37
N VAL A 97 16.68 -6.98 5.04
CA VAL A 97 15.37 -7.58 4.79
C VAL A 97 15.11 -7.50 3.29
N VAL A 98 14.98 -8.67 2.66
CA VAL A 98 14.91 -8.82 1.21
C VAL A 98 13.45 -9.00 0.81
N MET A 99 12.93 -8.04 0.03
CA MET A 99 11.55 -7.97 -0.39
C MET A 99 11.46 -8.17 -1.89
N GLU A 100 10.30 -8.64 -2.32
CA GLU A 100 9.86 -8.51 -3.70
C GLU A 100 10.09 -7.09 -4.24
N LEU A 101 10.66 -7.01 -5.44
CA LEU A 101 10.90 -5.69 -6.03
C LEU A 101 9.62 -5.21 -6.71
N MET A 102 9.27 -3.95 -6.49
CA MET A 102 8.10 -3.35 -7.12
C MET A 102 8.65 -2.29 -8.07
N ALA A 103 8.80 -2.66 -9.33
CA ALA A 103 9.69 -1.91 -10.22
C ALA A 103 9.13 -0.56 -10.65
N HIS A 104 7.82 -0.31 -10.50
CA HIS A 104 7.25 0.99 -10.79
C HIS A 104 7.00 1.85 -9.56
N GLY A 105 7.54 1.45 -8.40
CA GLY A 105 7.55 2.33 -7.24
C GLY A 105 6.21 2.48 -6.57
N ASP A 106 6.09 3.51 -5.75
CA ASP A 106 4.83 3.71 -5.03
C ASP A 106 3.76 4.25 -5.97
N LEU A 107 2.49 4.04 -5.57
CA LEU A 107 1.38 4.34 -6.46
C LEU A 107 1.19 5.84 -6.66
N LYS A 108 1.51 6.66 -5.66
CA LYS A 108 1.35 8.10 -5.81
C LYS A 108 2.28 8.66 -6.90
N SER A 109 3.59 8.36 -6.77
CA SER A 109 4.53 8.75 -7.82
C SER A 109 4.12 8.17 -9.17
N TYR A 110 3.61 6.94 -9.20
CA TYR A 110 3.24 6.35 -10.49
C TYR A 110 2.09 7.12 -11.13
N LEU A 111 1.05 7.42 -10.35
CA LEU A 111 -0.08 8.21 -10.84
C LEU A 111 0.36 9.58 -11.35
N ARG A 112 1.16 10.31 -10.57
CA ARG A 112 1.58 11.65 -10.98
C ARG A 112 2.35 11.62 -12.31
N SER A 113 3.03 10.52 -12.60
CA SER A 113 3.78 10.40 -13.84
C SER A 113 2.91 10.19 -15.06
N LEU A 114 1.62 9.87 -14.90
CA LEU A 114 0.73 9.80 -16.05
C LEU A 114 -0.05 11.08 -16.27
N ARG A 115 0.20 12.12 -15.49
CA ARG A 115 -0.43 13.41 -15.76
C ARG A 115 0.06 13.95 -17.10
N PRO A 116 -0.77 14.68 -17.83
CA PRO A 116 -0.33 15.14 -19.17
C PRO A 116 0.88 16.04 -19.10
N GLU A 117 0.97 16.88 -18.05
CA GLU A 117 2.06 17.82 -17.88
C GLU A 117 3.37 17.14 -17.47
N ALA A 118 3.33 15.88 -17.04
CA ALA A 118 4.42 15.27 -16.28
C ALA A 118 5.73 15.19 -17.07
N GLU A 119 6.83 15.64 -16.43
CA GLU A 119 8.13 15.57 -17.06
C GLU A 119 8.58 14.12 -17.28
N ASN A 120 8.19 13.21 -16.38
CA ASN A 120 8.58 11.82 -16.49
C ASN A 120 7.49 10.94 -17.11
N ASN A 121 6.58 11.55 -17.87
CA ASN A 121 5.50 10.81 -18.49
C ASN A 121 6.06 9.68 -19.36
N PRO A 122 5.56 8.46 -19.22
CA PRO A 122 6.13 7.34 -19.99
C PRO A 122 5.46 7.15 -21.35
N GLY A 123 4.69 8.14 -21.80
CA GLY A 123 4.13 8.12 -23.13
C GLY A 123 2.98 7.13 -23.32
N ARG A 124 2.19 6.92 -22.28
CA ARG A 124 0.94 6.17 -22.30
C ARG A 124 -0.13 7.02 -21.66
N PRO A 125 -1.40 6.79 -21.98
CA PRO A 125 -2.46 7.65 -21.44
C PRO A 125 -2.73 7.35 -19.97
N PRO A 126 -3.44 8.22 -19.27
CA PRO A 126 -3.77 7.96 -17.87
C PRO A 126 -4.60 6.68 -17.74
N PRO A 127 -4.79 6.17 -16.52
CA PRO A 127 -5.39 4.83 -16.39
C PRO A 127 -6.78 4.80 -16.99
N THR A 128 -7.10 3.68 -17.65
CA THR A 128 -8.45 3.46 -18.15
C THR A 128 -9.38 3.06 -17.01
N LEU A 129 -10.69 3.07 -17.29
CA LEU A 129 -11.64 2.59 -16.29
C LEU A 129 -11.34 1.15 -15.94
N GLN A 130 -11.03 0.33 -16.94
CA GLN A 130 -10.66 -1.04 -16.68
C GLN A 130 -9.42 -1.12 -15.78
N GLU A 131 -8.41 -0.28 -16.04
CA GLU A 131 -7.22 -0.30 -15.19
C GLU A 131 -7.51 0.18 -13.77
N MET A 132 -8.43 1.12 -13.61
CA MET A 132 -8.70 1.65 -12.27
C MET A 132 -9.50 0.66 -11.44
N ILE A 133 -10.40 -0.08 -12.08
CA ILE A 133 -11.13 -1.12 -11.38
C ILE A 133 -10.21 -2.27 -11.01
N GLN A 134 -9.25 -2.63 -11.89
CA GLN A 134 -8.28 -3.66 -11.53
C GLN A 134 -7.46 -3.22 -10.31
N MET A 135 -6.98 -1.97 -10.32
CA MET A 135 -6.25 -1.41 -9.18
C MET A 135 -7.06 -1.50 -7.90
N ALA A 136 -8.31 -1.05 -7.97
CA ALA A 136 -9.17 -1.06 -6.79
C ALA A 136 -9.32 -2.47 -6.25
N ALA A 137 -9.55 -3.45 -7.12
CA ALA A 137 -9.74 -4.83 -6.69
C ALA A 137 -8.50 -5.39 -6.02
N GLU A 138 -7.32 -5.12 -6.62
CA GLU A 138 -6.07 -5.63 -6.07
C GLU A 138 -5.78 -5.03 -4.70
N ILE A 139 -5.92 -3.71 -4.56
CA ILE A 139 -5.71 -3.07 -3.27
C ILE A 139 -6.67 -3.64 -2.24
N ALA A 140 -7.95 -3.73 -2.60
CA ALA A 140 -8.95 -4.27 -1.68
C ALA A 140 -8.68 -5.72 -1.33
N ASP A 141 -8.23 -6.52 -2.31
CA ASP A 141 -7.90 -7.92 -2.03
C ASP A 141 -6.75 -8.03 -1.03
N GLY A 142 -5.70 -7.22 -1.23
CA GLY A 142 -4.60 -7.20 -0.27
C GLY A 142 -5.07 -6.75 1.12
N MET A 143 -5.93 -5.72 1.17
CA MET A 143 -6.45 -5.25 2.45
C MET A 143 -7.32 -6.32 3.10
N ALA A 144 -8.15 -7.00 2.31
CA ALA A 144 -8.96 -8.09 2.85
C ALA A 144 -8.06 -9.14 3.48
N TYR A 145 -6.95 -9.46 2.80
CA TYR A 145 -5.97 -10.39 3.37
C TYR A 145 -5.44 -9.89 4.70
N LEU A 146 -4.94 -8.63 4.74
CA LEU A 146 -4.43 -8.10 6.00
C LEU A 146 -5.48 -8.22 7.09
N ASN A 147 -6.74 -7.88 6.78
CA ASN A 147 -7.80 -7.90 7.78
C ASN A 147 -8.06 -9.32 8.29
N ALA A 148 -8.07 -10.30 7.40
CA ALA A 148 -8.18 -11.70 7.84
C ALA A 148 -7.03 -12.08 8.75
N LYS A 149 -5.82 -11.55 8.50
CA LYS A 149 -4.69 -11.77 9.40
C LYS A 149 -4.77 -10.91 10.66
N LYS A 150 -5.87 -10.18 10.85
CA LYS A 150 -6.13 -9.35 12.05
C LYS A 150 -5.22 -8.14 12.14
N PHE A 151 -4.81 -7.56 11.01
CA PHE A 151 -4.04 -6.33 11.00
C PHE A 151 -4.88 -5.18 10.44
N VAL A 152 -5.00 -4.12 11.23
CA VAL A 152 -5.45 -2.83 10.75
C VAL A 152 -4.27 -2.13 10.10
N HIS A 153 -4.44 -1.67 8.87
CA HIS A 153 -3.32 -1.03 8.19
C HIS A 153 -2.92 0.27 8.89
N ARG A 154 -3.89 1.17 9.06
CA ARG A 154 -3.76 2.42 9.81
C ARG A 154 -3.22 3.52 8.90
N ASP A 155 -2.59 3.18 7.77
CA ASP A 155 -1.93 4.22 6.95
C ASP A 155 -2.13 3.98 5.45
N LEU A 156 -3.30 3.50 5.06
CA LEU A 156 -3.56 3.29 3.64
C LEU A 156 -3.62 4.64 2.90
N ALA A 157 -2.99 4.70 1.74
CA ALA A 157 -2.78 5.92 0.97
C ALA A 157 -2.00 5.46 -0.26
N ALA A 158 -2.13 6.20 -1.36
CA ALA A 158 -1.42 5.82 -2.58
C ALA A 158 0.10 5.70 -2.33
N ARG A 159 0.65 6.58 -1.48
CA ARG A 159 2.09 6.52 -1.19
C ARG A 159 2.52 5.17 -0.61
N ASN A 160 1.60 4.43 0.01
CA ASN A 160 1.92 3.15 0.62
C ASN A 160 1.38 1.96 -0.17
N CYS A 161 1.05 2.19 -1.41
CA CYS A 161 0.72 1.15 -2.36
C CYS A 161 1.82 1.12 -3.40
N MET A 162 2.18 -0.06 -3.89
CA MET A 162 3.31 -0.24 -4.79
C MET A 162 2.83 -0.85 -6.10
N VAL A 163 3.57 -0.59 -7.17
CA VAL A 163 3.20 -1.00 -8.52
C VAL A 163 4.29 -1.92 -9.08
N ALA A 164 3.90 -3.12 -9.51
CA ALA A 164 4.86 -4.12 -9.97
C ALA A 164 5.22 -3.92 -11.46
N HIS A 165 6.19 -4.74 -11.91
CA HIS A 165 6.65 -4.67 -13.29
C HIS A 165 5.50 -4.83 -14.28
N ASP A 166 4.50 -5.64 -13.93
CA ASP A 166 3.36 -5.86 -14.81
C ASP A 166 2.18 -4.98 -14.43
N PHE A 167 2.40 -4.00 -13.57
CA PHE A 167 1.44 -2.99 -13.09
C PHE A 167 0.46 -3.54 -12.07
N THR A 168 0.70 -4.73 -11.50
CA THR A 168 -0.10 -5.18 -10.36
C THR A 168 0.11 -4.22 -9.19
N VAL A 169 -0.97 -3.80 -8.54
CA VAL A 169 -0.83 -2.94 -7.37
C VAL A 169 -0.90 -3.83 -6.12
N LYS A 170 -0.07 -3.54 -5.12
CA LYS A 170 0.00 -4.35 -3.92
C LYS A 170 0.17 -3.44 -2.71
N ILE A 171 -0.30 -3.90 -1.55
CA ILE A 171 -0.06 -3.17 -0.31
C ILE A 171 1.42 -3.30 0.05
N GLY A 172 2.07 -2.19 0.38
CA GLY A 172 3.49 -2.19 0.70
C GLY A 172 3.73 -2.26 2.18
N ASP A 173 4.82 -1.61 2.62
CA ASP A 173 5.23 -1.48 4.05
C ASP A 173 6.67 -0.95 4.18
N PTR A 185 1.67 15.69 5.47
CA PTR A 185 1.04 14.37 5.40
C PTR A 185 0.73 13.80 6.78
O PTR A 185 -0.21 13.03 6.91
CB PTR A 185 1.95 13.38 4.65
CG PTR A 185 2.31 13.84 3.26
CD1 PTR A 185 3.63 13.81 2.81
CD2 PTR A 185 1.35 14.36 2.42
CE1 PTR A 185 3.96 14.25 1.54
CE2 PTR A 185 1.66 14.80 1.15
CZ PTR A 185 2.97 14.74 0.72
OH PTR A 185 3.25 15.19 -0.48
P PTR A 185 4.46 14.67 -1.40
O1P PTR A 185 4.32 13.15 -1.68
O2P PTR A 185 4.35 15.47 -2.70
O3P PTR A 185 5.78 14.89 -0.74
N TYR A 186 1.52 14.18 7.80
CA TYR A 186 1.33 13.65 9.15
C TYR A 186 1.37 14.80 10.17
N ARG A 187 0.46 14.79 11.15
CA ARG A 187 0.43 15.73 12.25
C ARG A 187 0.72 15.01 13.57
N LYS A 188 1.43 15.68 14.47
CA LYS A 188 1.67 15.11 15.79
C LYS A 188 0.35 14.96 16.56
N GLY A 189 0.29 13.94 17.40
CA GLY A 189 -0.92 13.66 18.15
C GLY A 189 -0.63 12.84 19.40
N GLY A 190 -1.65 12.73 20.26
CA GLY A 190 -1.51 12.08 21.55
C GLY A 190 -0.98 10.65 21.53
N LYS A 191 -1.11 9.95 20.38
CA LYS A 191 -0.67 8.56 20.27
C LYS A 191 0.37 8.35 19.18
N GLY A 192 0.93 9.41 18.62
CA GLY A 192 1.81 9.31 17.47
C GLY A 192 1.32 10.18 16.34
N LEU A 193 2.05 10.10 15.22
CA LEU A 193 1.78 10.91 14.03
C LEU A 193 0.54 10.40 13.28
N LEU A 194 -0.24 11.34 12.75
CA LEU A 194 -1.53 10.99 12.18
C LEU A 194 -1.61 11.43 10.72
N PRO A 195 -1.98 10.52 9.78
CA PRO A 195 -2.21 10.87 8.37
C PRO A 195 -3.61 11.47 8.19
N VAL A 196 -3.69 12.75 8.57
CA VAL A 196 -4.96 13.44 8.81
C VAL A 196 -5.85 13.40 7.57
N ARG A 197 -5.28 13.66 6.39
CA ARG A 197 -6.06 13.74 5.18
C ARG A 197 -6.56 12.40 4.66
N TRP A 198 -6.10 11.28 5.22
CA TRP A 198 -6.57 9.96 4.86
C TRP A 198 -7.43 9.32 5.94
N MET A 199 -7.70 10.04 7.03
CA MET A 199 -8.32 9.46 8.20
C MET A 199 -9.83 9.67 8.21
N ALA A 200 -10.52 8.66 8.73
CA ALA A 200 -11.95 8.70 8.90
C ALA A 200 -12.32 9.67 10.02
N PRO A 201 -13.56 10.16 10.02
CA PRO A 201 -13.94 11.16 11.03
C PRO A 201 -13.86 10.62 12.46
N GLU A 202 -14.34 9.39 12.71
CA GLU A 202 -14.27 8.79 14.04
C GLU A 202 -12.83 8.55 14.52
N SER A 203 -11.85 8.53 13.61
CA SER A 203 -10.46 8.43 14.02
C SER A 203 -9.90 9.79 14.40
N LEU A 204 -10.29 10.83 13.67
CA LEU A 204 -9.93 12.19 14.06
C LEU A 204 -10.44 12.53 15.46
N LYS A 205 -11.47 11.83 15.94
CA LYS A 205 -12.18 12.14 17.17
C LYS A 205 -11.50 11.52 18.38
N ASP A 206 -11.39 10.19 18.39
CA ASP A 206 -10.84 9.46 19.51
C ASP A 206 -9.54 8.73 19.18
N GLY A 207 -9.10 8.77 17.93
CA GLY A 207 -7.87 8.10 17.57
C GLY A 207 -7.93 6.60 17.54
N VAL A 208 -9.10 6.01 17.44
CA VAL A 208 -9.16 4.56 17.21
C VAL A 208 -9.09 4.29 15.71
N PHE A 209 -8.40 3.20 15.35
CA PHE A 209 -8.23 2.75 13.98
C PHE A 209 -8.80 1.34 13.85
N THR A 210 -9.60 1.13 12.80
CA THR A 210 -10.28 -0.14 12.56
C THR A 210 -10.17 -0.47 11.08
N THR A 211 -10.58 -1.69 10.73
CA THR A 211 -10.71 -2.00 9.31
C THR A 211 -11.70 -1.04 8.65
N SER A 212 -12.70 -0.55 9.41
CA SER A 212 -13.66 0.41 8.84
C SER A 212 -13.01 1.76 8.52
N SER A 213 -12.13 2.24 9.39
CA SER A 213 -11.43 3.48 9.04
C SER A 213 -10.39 3.22 7.94
N ASP A 214 -9.88 1.99 7.83
CA ASP A 214 -9.11 1.62 6.64
C ASP A 214 -9.97 1.77 5.38
N MET A 215 -11.26 1.40 5.46
CA MET A 215 -12.12 1.49 4.28
C MET A 215 -12.31 2.95 3.87
N TRP A 216 -12.35 3.85 4.86
CA TRP A 216 -12.32 5.28 4.57
C TRP A 216 -11.11 5.64 3.72
N SER A 217 -9.92 5.28 4.21
CA SER A 217 -8.69 5.63 3.50
C SER A 217 -8.67 5.02 2.10
N PHE A 218 -9.23 3.82 1.96
CA PHE A 218 -9.34 3.20 0.65
C PHE A 218 -10.11 4.11 -0.32
N GLY A 219 -11.20 4.72 0.16
CA GLY A 219 -11.92 5.68 -0.65
C GLY A 219 -11.05 6.86 -1.07
N VAL A 220 -10.19 7.32 -0.16
CA VAL A 220 -9.25 8.40 -0.51
C VAL A 220 -8.26 7.93 -1.56
N VAL A 221 -7.84 6.66 -1.50
CA VAL A 221 -6.93 6.14 -2.52
C VAL A 221 -7.61 6.13 -3.89
N LEU A 222 -8.89 5.73 -3.95
CA LEU A 222 -9.64 5.80 -5.20
C LEU A 222 -9.71 7.22 -5.70
N TRP A 223 -9.85 8.18 -4.78
CA TRP A 223 -9.81 9.61 -5.12
C TRP A 223 -8.44 10.02 -5.68
N GLU A 224 -7.36 9.53 -5.09
CA GLU A 224 -6.04 9.80 -5.62
C GLU A 224 -5.89 9.16 -7.00
N ILE A 225 -6.43 7.94 -7.19
CA ILE A 225 -6.37 7.28 -8.49
C ILE A 225 -7.13 8.09 -9.53
N THR A 226 -8.32 8.58 -9.18
CA THR A 226 -9.10 9.32 -10.16
C THR A 226 -8.67 10.80 -10.27
N SER A 227 -7.78 11.30 -9.41
CA SER A 227 -7.29 12.66 -9.55
C SER A 227 -5.84 12.71 -9.99
N LEU A 228 -5.27 11.56 -10.36
CA LEU A 228 -3.83 11.38 -10.55
C LEU A 228 -3.04 12.00 -9.40
N ALA A 229 -3.43 11.60 -8.19
CA ALA A 229 -2.74 11.89 -6.91
C ALA A 229 -2.58 13.39 -6.67
N GLU A 230 -3.66 14.15 -6.84
CA GLU A 230 -3.72 15.47 -6.25
C GLU A 230 -3.62 15.32 -4.73
N GLN A 231 -3.33 16.41 -4.05
CA GLN A 231 -3.31 16.37 -2.60
C GLN A 231 -4.74 16.44 -2.08
N PRO A 232 -5.18 15.50 -1.25
CA PRO A 232 -6.54 15.60 -0.68
C PRO A 232 -6.72 16.90 0.10
N TYR A 233 -7.85 17.56 -0.14
CA TYR A 233 -8.24 18.78 0.58
C TYR A 233 -7.20 19.88 0.39
N GLN A 234 -6.69 20.00 -0.83
CA GLN A 234 -5.73 21.04 -1.15
C GLN A 234 -6.33 22.41 -0.80
N GLY A 235 -5.51 23.28 -0.22
CA GLY A 235 -5.96 24.60 0.21
C GLY A 235 -6.56 24.64 1.59
N LEU A 236 -6.83 23.49 2.18
CA LEU A 236 -7.25 23.40 3.57
C LEU A 236 -6.04 23.01 4.39
N SER A 237 -5.82 23.74 5.48
CA SER A 237 -4.80 23.37 6.45
C SER A 237 -5.18 22.06 7.15
N ASN A 238 -4.18 21.42 7.76
CA ASN A 238 -4.44 20.21 8.53
C ASN A 238 -5.52 20.42 9.58
N GLU A 239 -5.53 21.61 10.21
CA GLU A 239 -6.52 21.90 11.24
C GLU A 239 -7.92 22.04 10.64
N GLN A 240 -8.02 22.57 9.42
CA GLN A 240 -9.33 22.69 8.80
C GLN A 240 -9.83 21.36 8.29
N VAL A 241 -8.95 20.53 7.71
CA VAL A 241 -9.34 19.18 7.31
C VAL A 241 -9.93 18.45 8.50
N LEU A 242 -9.27 18.54 9.66
CA LEU A 242 -9.72 17.83 10.85
C LEU A 242 -11.13 18.23 11.25
N LYS A 243 -11.48 19.51 11.06
CA LYS A 243 -12.83 19.97 11.38
C LYS A 243 -13.79 19.72 10.22
N PHE A 244 -13.33 19.88 8.98
CA PHE A 244 -14.20 19.63 7.84
C PHE A 244 -14.70 18.19 7.84
N VAL A 245 -13.80 17.24 8.08
CA VAL A 245 -14.18 15.82 7.96
C VAL A 245 -14.97 15.40 9.18
N MET A 246 -14.59 15.88 10.36
CA MET A 246 -15.32 15.55 11.57
C MET A 246 -16.76 16.05 11.55
N ASP A 247 -17.01 17.19 10.89
CA ASP A 247 -18.35 17.72 10.68
C ASP A 247 -19.16 16.89 9.68
N GLY A 248 -18.52 15.99 8.93
CA GLY A 248 -19.19 15.25 7.89
C GLY A 248 -18.84 15.66 6.48
N GLY A 249 -17.77 16.44 6.29
CA GLY A 249 -17.32 16.76 4.95
C GLY A 249 -16.55 15.61 4.32
N TYR A 250 -16.49 15.64 2.99
CA TYR A 250 -15.69 14.65 2.28
C TYR A 250 -15.24 15.28 0.97
N LEU A 251 -14.28 14.62 0.31
CA LEU A 251 -13.69 15.16 -0.90
C LEU A 251 -14.75 15.25 -2.01
N ASP A 252 -14.59 16.24 -2.88
CA ASP A 252 -15.41 16.34 -4.08
C ASP A 252 -14.89 15.40 -5.14
N GLN A 253 -15.79 14.97 -6.01
CA GLN A 253 -15.41 14.05 -7.07
C GLN A 253 -14.47 14.76 -8.05
N PRO A 254 -13.36 14.13 -8.45
CA PRO A 254 -12.50 14.73 -9.47
C PRO A 254 -13.24 14.84 -10.79
N ASP A 255 -12.76 15.77 -11.61
CA ASP A 255 -13.43 16.06 -12.87
C ASP A 255 -13.48 14.83 -13.76
N ASN A 256 -14.69 14.52 -14.24
CA ASN A 256 -14.90 13.41 -15.18
C ASN A 256 -14.52 12.05 -14.56
N CYS A 257 -14.75 11.92 -13.26
CA CYS A 257 -14.53 10.66 -12.58
C CYS A 257 -15.55 9.62 -13.01
N PRO A 258 -15.14 8.40 -13.34
CA PRO A 258 -16.14 7.39 -13.72
C PRO A 258 -17.15 7.18 -12.60
N GLU A 259 -18.43 7.22 -12.97
CA GLU A 259 -19.53 6.91 -12.06
C GLU A 259 -19.23 5.71 -11.18
N ARG A 260 -18.69 4.64 -11.76
CA ARG A 260 -18.47 3.42 -10.99
C ARG A 260 -17.53 3.65 -9.82
N VAL A 261 -16.48 4.44 -10.03
CA VAL A 261 -15.55 4.69 -8.93
C VAL A 261 -16.17 5.66 -7.94
N THR A 262 -16.91 6.67 -8.44
CA THR A 262 -17.63 7.58 -7.56
C THR A 262 -18.55 6.81 -6.60
N ASP A 263 -19.18 5.73 -7.08
CA ASP A 263 -20.07 4.99 -6.19
C ASP A 263 -19.30 4.29 -5.09
N LEU A 264 -18.09 3.79 -5.40
CA LEU A 264 -17.24 3.16 -4.38
C LEU A 264 -16.87 4.17 -3.31
N MET A 265 -16.43 5.35 -3.75
CA MET A 265 -16.09 6.43 -2.82
C MET A 265 -17.24 6.74 -1.87
N ARG A 266 -18.45 6.84 -2.41
CA ARG A 266 -19.60 7.16 -1.57
C ARG A 266 -19.83 6.07 -0.52
N MET A 267 -19.61 4.80 -0.88
CA MET A 267 -19.72 3.73 0.11
C MET A 267 -18.67 3.88 1.21
N CYS A 268 -17.43 4.19 0.80
CA CYS A 268 -16.30 4.30 1.72
C CYS A 268 -16.45 5.48 2.67
N TRP A 269 -17.14 6.53 2.25
CA TRP A 269 -17.15 7.77 3.01
C TRP A 269 -18.43 7.97 3.82
N GLN A 270 -19.19 6.90 4.04
CA GLN A 270 -20.29 6.91 5.00
C GLN A 270 -19.79 7.38 6.34
N PHE A 271 -20.52 8.31 6.98
CA PHE A 271 -20.03 8.88 8.22
C PHE A 271 -20.00 7.82 9.32
N ASN A 272 -21.07 7.04 9.43
CA ASN A 272 -21.14 5.89 10.31
C ASN A 272 -20.22 4.78 9.82
N PRO A 273 -19.16 4.40 10.56
CA PRO A 273 -18.28 3.32 10.09
C PRO A 273 -19.00 2.02 9.85
N LYS A 274 -20.13 1.79 10.53
CA LYS A 274 -20.88 0.55 10.39
C LYS A 274 -21.56 0.43 9.04
N MET A 275 -21.71 1.53 8.30
CA MET A 275 -22.39 1.52 7.01
C MET A 275 -21.41 1.40 5.85
N ARG A 276 -20.06 1.33 6.16
CA ARG A 276 -19.07 1.18 5.10
C ARG A 276 -18.95 -0.28 4.72
N PRO A 277 -18.57 -0.54 3.48
CA PRO A 277 -18.37 -1.93 3.04
C PRO A 277 -17.14 -2.55 3.72
N THR A 278 -17.02 -3.86 3.58
CA THR A 278 -15.78 -4.53 3.94
C THR A 278 -14.92 -4.72 2.68
N PHE A 279 -13.64 -5.01 2.89
CA PHE A 279 -12.78 -5.17 1.72
C PHE A 279 -13.19 -6.40 0.91
N LEU A 280 -13.63 -7.48 1.57
CA LEU A 280 -14.15 -8.60 0.79
C LEU A 280 -15.36 -8.16 -0.02
N GLU A 281 -16.18 -7.27 0.54
CA GLU A 281 -17.35 -6.78 -0.19
C GLU A 281 -16.94 -5.97 -1.42
N ILE A 282 -15.87 -5.17 -1.31
CA ILE A 282 -15.39 -4.43 -2.48
C ILE A 282 -15.00 -5.39 -3.60
N VAL A 283 -14.22 -6.42 -3.27
CA VAL A 283 -13.78 -7.33 -4.33
C VAL A 283 -14.98 -8.05 -4.94
N ASN A 284 -15.96 -8.40 -4.12
CA ASN A 284 -17.16 -9.03 -4.65
C ASN A 284 -17.84 -8.14 -5.69
N LEU A 285 -17.98 -6.84 -5.40
CA LEU A 285 -18.60 -5.91 -6.34
C LEU A 285 -17.84 -5.82 -7.66
N LEU A 286 -16.52 -5.96 -7.62
CA LEU A 286 -15.71 -5.76 -8.81
C LEU A 286 -15.34 -7.05 -9.55
N LYS A 287 -15.63 -8.22 -8.98
CA LYS A 287 -14.99 -9.47 -9.42
C LYS A 287 -15.30 -9.83 -10.87
N ASP A 288 -16.46 -9.42 -11.37
CA ASP A 288 -16.86 -9.88 -12.70
C ASP A 288 -16.18 -9.13 -13.83
N ASP A 289 -15.49 -8.01 -13.53
CA ASP A 289 -14.80 -7.28 -14.57
C ASP A 289 -13.30 -7.17 -14.27
N LEU A 290 -12.61 -8.30 -14.11
CA LEU A 290 -11.20 -8.28 -13.75
C LEU A 290 -10.41 -9.09 -14.75
N HIS A 291 -9.09 -8.88 -14.77
CA HIS A 291 -8.22 -9.73 -15.56
C HIS A 291 -8.53 -11.21 -15.30
N PRO A 292 -8.48 -12.06 -16.33
CA PRO A 292 -8.70 -13.51 -16.14
C PRO A 292 -7.82 -14.15 -15.08
N SER A 293 -6.60 -13.63 -14.86
CA SER A 293 -5.71 -14.19 -13.86
C SER A 293 -6.17 -13.92 -12.42
N PHE A 294 -7.09 -12.99 -12.20
CA PHE A 294 -7.37 -12.56 -10.82
C PHE A 294 -7.84 -13.69 -9.92
N PRO A 295 -8.77 -14.57 -10.32
CA PRO A 295 -9.13 -15.71 -9.45
C PRO A 295 -7.98 -16.70 -9.22
N GLU A 296 -6.95 -16.70 -10.09
CA GLU A 296 -5.82 -17.58 -9.90
C GLU A 296 -4.89 -17.08 -8.77
N VAL A 297 -4.86 -15.77 -8.53
CA VAL A 297 -3.90 -15.21 -7.58
C VAL A 297 -4.55 -14.55 -6.36
N SER A 298 -5.86 -14.26 -6.37
CA SER A 298 -6.44 -13.42 -5.33
C SER A 298 -6.66 -14.17 -4.02
N PHE A 299 -6.56 -13.43 -2.91
CA PHE A 299 -7.00 -14.01 -1.63
C PHE A 299 -8.48 -14.31 -1.68
N PHE A 300 -9.26 -13.39 -2.26
CA PHE A 300 -10.71 -13.50 -2.34
C PHE A 300 -11.15 -14.88 -2.84
N HIS A 301 -10.55 -15.34 -3.94
CA HIS A 301 -10.94 -16.61 -4.56
C HIS A 301 -10.20 -17.80 -3.98
N SER A 302 -9.32 -17.60 -3.01
CA SER A 302 -8.44 -18.64 -2.52
C SER A 302 -9.17 -19.52 -1.50
N GLU A 303 -8.62 -20.70 -1.25
CA GLU A 303 -9.22 -21.58 -0.24
C GLU A 303 -9.02 -21.05 1.17
N GLU A 304 -8.13 -20.07 1.35
CA GLU A 304 -8.01 -19.36 2.62
C GLU A 304 -9.20 -18.45 2.90
N ASN A 305 -10.05 -18.18 1.91
CA ASN A 305 -11.27 -17.40 2.06
C ASN A 305 -12.55 -18.22 1.84
N LYS A 306 -12.45 -19.55 1.74
CA LYS A 306 -13.58 -20.38 1.31
C LYS A 306 -14.05 -21.41 2.36
#